data_6G9F
#
_entry.id   6G9F
#
_cell.length_a   125.078
_cell.length_b   182.875
_cell.length_c   74.767
_cell.angle_alpha   90.00
_cell.angle_beta   90.00
_cell.angle_gamma   90.00
#
_symmetry.space_group_name_H-M   'C 2 2 21'
#
loop_
_entity.id
_entity.type
_entity.pdbx_description
1 polymer 'Peptidoglycan D,D-transpeptidase MrdA'
2 non-polymer (2S,5R)-1-formyl-5-[(sulfooxy)amino]piperidine-2-carboxamide
3 water water
#
_entity_poly.entity_id   1
_entity_poly.type   'polypeptide(L)'
_entity_poly.pdbx_seq_one_letter_code
;GPNRIKLVPIAPSRGIIYDRNGIPLALNRTIYQIEMMPEKVDNVQQTLDALRSVVDLTDDDIAAFRKERARSHRFTSIPV
KTNLTEVQVARFAVNQYRFPGVEVKGYKRRYYPYGSALTHVIGYVSKINDKDVERLNNDGKLANYAATHDIGKLGIERYY
EDVLHGQTGYEEVEVNNRGRVIRQLKEVPPQAGHDIYLTLDLKLQQYIETLLAGSRAAVVVTDPRTGGVLALVSTPSYDP
NLFVDGISSKDYSALLNDPNTPLVNRATQGVYPPASTVKPYVAVSALSAGVITRNTTLFDPGWWQLPGSEKRYRDWKKWG
HGRLNVTRSLEESADTFFYQVAYDMGIDRLSEWMGKFGYGHYTGIDLAEERSGNMPTREWKQKRFKKPWYQGDTIPVGIG
QGYWTATPIQMSKALMILINDGIVKVPHLLMSTAEDGKQVPWVQPHEPPVGDIHSGYWELAKDGMYGVANRPNGTAHKYF
ASAPYKIAAKSGTAQVFGLKANETYNAHKIAERLRDHKLMTAFAPYNNPQVAVAMILENGGAGPAVGTLMRQILDHIMLG
D
;
_entity_poly.pdbx_strand_id   A
#
loop_
_chem_comp.id
_chem_comp.type
_chem_comp.name
_chem_comp.formula
NXL non-polymer (2S,5R)-1-formyl-5-[(sulfooxy)amino]piperidine-2-carboxamide 'C7 H13 N3 O6 S'
#
# COMPACT_ATOMS: atom_id res chain seq x y z
N ASN A 3 19.09 -49.45 -7.21
CA ASN A 3 18.99 -48.21 -6.43
C ASN A 3 18.35 -47.10 -7.26
N ARG A 4 17.22 -46.57 -6.81
CA ARG A 4 16.47 -45.72 -7.71
C ARG A 4 17.00 -44.27 -7.64
N ILE A 5 16.77 -43.53 -8.72
CA ILE A 5 17.20 -42.14 -8.83
C ILE A 5 15.97 -41.26 -8.77
N LYS A 6 15.93 -40.40 -7.77
CA LYS A 6 14.82 -39.50 -7.49
C LYS A 6 15.18 -38.09 -7.95
N LEU A 7 14.17 -37.38 -8.44
CA LEU A 7 14.30 -35.95 -8.70
C LEU A 7 13.65 -35.19 -7.55
N VAL A 8 14.33 -34.16 -7.08
CA VAL A 8 13.91 -33.43 -5.87
C VAL A 8 14.02 -31.94 -6.16
N PRO A 9 12.92 -31.20 -6.10
CA PRO A 9 12.98 -29.76 -6.37
C PRO A 9 13.79 -29.02 -5.30
N ILE A 10 14.52 -28.01 -5.75
CA ILE A 10 15.26 -27.08 -4.89
C ILE A 10 14.56 -25.72 -4.96
N ALA A 11 14.21 -25.18 -3.80
CA ALA A 11 13.52 -23.89 -3.79
C ALA A 11 14.48 -22.76 -4.13
N PRO A 12 14.00 -21.72 -4.81
CA PRO A 12 14.86 -20.56 -5.07
C PRO A 12 14.93 -19.61 -3.87
N SER A 13 15.96 -18.80 -3.88
CA SER A 13 16.13 -17.79 -2.84
C SER A 13 15.34 -16.54 -3.22
N ARG A 14 14.52 -16.05 -2.29
CA ARG A 14 13.61 -14.96 -2.63
C ARG A 14 14.37 -13.64 -2.76
N GLY A 15 14.02 -12.87 -3.80
CA GLY A 15 14.73 -11.63 -4.07
C GLY A 15 14.60 -10.63 -2.94
N ILE A 16 15.59 -9.69 -2.88
CA ILE A 16 15.63 -8.64 -1.87
C ILE A 16 14.83 -7.43 -2.36
N ILE A 17 14.16 -6.77 -1.42
CA ILE A 17 13.49 -5.49 -1.67
C ILE A 17 14.30 -4.38 -1.00
N TYR A 18 14.65 -3.36 -1.78
CA TYR A 18 15.45 -2.22 -1.34
C TYR A 18 14.68 -0.91 -1.51
N ASP A 19 14.96 0.07 -0.64
CA ASP A 19 14.36 1.39 -0.80
C ASP A 19 15.10 2.15 -1.90
N ARG A 20 14.81 3.43 -2.07
CA ARG A 20 15.45 4.18 -3.14
C ARG A 20 16.94 4.41 -2.90
N ASN A 21 17.45 4.18 -1.69
CA ASN A 21 18.86 4.35 -1.40
C ASN A 21 19.59 3.04 -1.17
N GLY A 22 19.01 1.92 -1.62
CA GLY A 22 19.72 0.66 -1.53
C GLY A 22 19.65 0.00 -0.18
N ILE A 23 18.87 0.54 0.76
CA ILE A 23 18.67 -0.10 2.06
C ILE A 23 17.74 -1.30 1.86
N PRO A 24 18.17 -2.49 2.25
CA PRO A 24 17.29 -3.68 2.15
C PRO A 24 16.17 -3.59 3.15
N LEU A 25 14.94 -3.76 2.66
CA LEU A 25 13.74 -3.69 3.49
C LEU A 25 13.17 -5.06 3.81
N ALA A 26 13.50 -6.07 3.00
CA ALA A 26 12.96 -7.41 3.18
C ALA A 26 14.11 -8.38 2.89
N LEU A 27 14.59 -9.06 3.93
CA LEU A 27 15.78 -9.91 3.87
C LEU A 27 15.41 -11.37 4.08
N ASN A 28 16.37 -12.24 3.82
CA ASN A 28 16.23 -13.65 4.09
C ASN A 28 17.16 -14.05 5.24
N ARG A 29 16.66 -14.93 6.10
CA ARG A 29 17.44 -15.57 7.15
C ARG A 29 17.29 -17.08 7.01
N THR A 30 18.38 -17.81 7.20
CA THR A 30 18.28 -19.26 7.20
C THR A 30 17.95 -19.73 8.59
N ILE A 31 17.02 -20.67 8.68
CA ILE A 31 16.62 -21.26 9.94
C ILE A 31 16.82 -22.77 9.80
N TYR A 32 17.41 -23.38 10.84
CA TYR A 32 17.83 -24.77 10.78
C TYR A 32 16.99 -25.62 11.69
N GLN A 33 16.61 -26.79 11.20
CA GLN A 33 15.91 -27.77 12.01
C GLN A 33 16.39 -29.18 11.64
N ILE A 34 16.27 -30.07 12.57
CA ILE A 34 16.41 -31.48 12.22
C ILE A 34 15.00 -32.05 12.15
N GLU A 35 14.82 -32.95 11.19
CA GLU A 35 13.53 -33.56 10.93
C GLU A 35 13.74 -35.01 10.52
N MET A 36 12.66 -35.78 10.54
CA MET A 36 12.78 -37.17 10.17
C MET A 36 11.47 -37.64 9.57
N MET A 37 11.55 -38.62 8.70
CA MET A 37 10.38 -39.40 8.38
C MET A 37 10.46 -40.64 9.25
N PRO A 38 9.58 -40.79 10.23
CA PRO A 38 9.76 -41.89 11.20
C PRO A 38 9.84 -43.23 10.56
N GLU A 39 9.12 -43.44 9.46
CA GLU A 39 9.19 -44.70 8.74
C GLU A 39 10.59 -45.00 8.26
N LYS A 40 11.38 -43.97 7.93
CA LYS A 40 12.75 -44.15 7.47
C LYS A 40 13.75 -44.20 8.61
N VAL A 41 13.30 -44.07 9.85
CA VAL A 41 14.18 -44.15 11.01
C VAL A 41 14.01 -45.51 11.64
N ASP A 42 15.09 -46.28 11.72
CA ASP A 42 15.02 -47.63 12.26
C ASP A 42 14.39 -47.65 13.65
N ASN A 43 15.01 -46.97 14.61
CA ASN A 43 14.57 -47.01 16.01
C ASN A 43 14.31 -45.58 16.48
N VAL A 44 13.03 -45.16 16.43
CA VAL A 44 12.71 -43.76 16.65
C VAL A 44 13.05 -43.36 18.08
N GLN A 45 12.73 -44.23 19.06
CA GLN A 45 12.93 -43.88 20.45
C GLN A 45 14.41 -43.74 20.76
N GLN A 46 15.20 -44.77 20.43
CA GLN A 46 16.64 -44.68 20.52
C GLN A 46 17.17 -43.38 19.93
N THR A 47 16.68 -43.01 18.73
CA THR A 47 17.17 -41.84 18.05
C THR A 47 16.83 -40.57 18.82
N LEU A 48 15.57 -40.44 19.26
CA LEU A 48 15.17 -39.28 20.04
C LEU A 48 16.04 -39.13 21.30
N ASP A 49 16.27 -40.24 22.01
CA ASP A 49 16.98 -40.14 23.28
C ASP A 49 18.44 -39.78 23.05
N ALA A 50 19.07 -40.37 22.03
CA ALA A 50 20.45 -40.00 21.75
C ALA A 50 20.56 -38.54 21.27
N LEU A 51 19.48 -37.98 20.74
CA LEU A 51 19.50 -36.61 20.28
C LEU A 51 19.37 -35.62 21.44
N ARG A 52 18.98 -36.10 22.62
CA ARG A 52 19.02 -35.23 23.79
C ARG A 52 20.42 -34.69 24.00
N SER A 53 21.40 -35.56 23.85
CA SER A 53 22.79 -35.19 24.03
C SER A 53 23.29 -34.24 22.94
N VAL A 54 22.83 -34.45 21.70
CA VAL A 54 23.50 -33.89 20.52
C VAL A 54 22.97 -32.49 20.16
N VAL A 55 21.65 -32.28 20.20
CA VAL A 55 21.07 -30.97 19.88
C VAL A 55 20.29 -30.40 21.06
N ASP A 56 20.48 -30.94 22.26
CA ASP A 56 19.76 -30.44 23.43
C ASP A 56 18.26 -30.64 23.21
N LEU A 57 17.90 -31.85 22.82
CA LEU A 57 16.51 -32.18 22.58
C LEU A 57 15.79 -32.37 23.92
N THR A 58 14.62 -31.76 24.04
CA THR A 58 13.87 -31.70 25.28
C THR A 58 12.61 -32.55 25.21
N ASP A 59 12.12 -32.94 26.40
CA ASP A 59 10.83 -33.59 26.51
C ASP A 59 9.76 -32.82 25.74
N ASP A 60 9.74 -31.49 25.88
CA ASP A 60 8.77 -30.67 25.16
C ASP A 60 8.97 -30.78 23.65
N ASP A 61 10.22 -30.75 23.19
CA ASP A 61 10.52 -31.01 21.78
C ASP A 61 9.91 -32.31 21.30
N ILE A 62 10.01 -33.35 22.13
CA ILE A 62 9.48 -34.67 21.77
C ILE A 62 7.96 -34.68 21.83
N ALA A 63 7.40 -34.11 22.89
CA ALA A 63 5.97 -33.85 22.95
C ALA A 63 5.47 -33.27 21.63
N ALA A 64 6.00 -32.09 21.27
CA ALA A 64 5.60 -31.48 20.01
C ALA A 64 5.85 -32.40 18.84
N PHE A 65 6.86 -33.26 18.91
CA PHE A 65 7.15 -34.15 17.79
C PHE A 65 6.01 -35.14 17.59
N ARG A 66 5.67 -35.92 18.64
CA ARG A 66 4.66 -36.97 18.53
C ARG A 66 3.29 -36.43 18.13
N LYS A 67 2.92 -35.27 18.64
CA LYS A 67 1.64 -34.69 18.23
C LYS A 67 1.67 -34.34 16.75
N GLU A 68 2.68 -33.57 16.34
CA GLU A 68 2.86 -33.28 14.93
C GLU A 68 3.02 -34.56 14.12
N ARG A 69 3.53 -35.62 14.73
CA ARG A 69 3.55 -36.92 14.06
C ARG A 69 2.13 -37.44 13.84
N ALA A 70 1.22 -37.18 14.80
CA ALA A 70 -0.17 -37.60 14.63
C ALA A 70 -0.86 -36.78 13.56
N ARG A 71 -0.86 -35.46 13.73
CA ARG A 71 -1.45 -34.50 12.80
C ARG A 71 -0.74 -34.47 11.44
N SER A 72 -0.20 -35.59 10.98
CA SER A 72 0.52 -35.60 9.71
C SER A 72 0.19 -36.87 8.94
N HIS A 73 0.33 -36.77 7.63
CA HIS A 73 0.09 -37.87 6.71
C HIS A 73 1.28 -38.83 6.70
N ARG A 74 1.00 -40.06 6.30
CA ARG A 74 2.05 -41.07 6.18
C ARG A 74 3.18 -40.53 5.29
N PHE A 75 4.41 -40.92 5.61
CA PHE A 75 5.60 -40.47 4.87
C PHE A 75 5.68 -38.95 4.77
N THR A 76 5.31 -38.26 5.84
CA THR A 76 5.58 -36.85 6.01
C THR A 76 6.84 -36.68 6.85
N SER A 77 7.68 -35.74 6.46
CA SER A 77 8.88 -35.40 7.21
C SER A 77 8.50 -34.56 8.43
N ILE A 78 8.57 -35.15 9.62
CA ILE A 78 8.22 -34.45 10.85
C ILE A 78 9.43 -33.71 11.41
N PRO A 79 9.32 -32.41 11.67
CA PRO A 79 10.41 -31.73 12.37
C PRO A 79 10.58 -32.30 13.77
N VAL A 80 11.83 -32.37 14.20
CA VAL A 80 12.19 -32.85 15.52
C VAL A 80 12.58 -31.70 16.42
N LYS A 81 13.43 -30.82 15.92
CA LYS A 81 13.80 -29.64 16.67
C LYS A 81 13.99 -28.50 15.68
N THR A 82 13.41 -27.35 15.99
CA THR A 82 13.41 -26.18 15.14
C THR A 82 14.33 -25.12 15.71
N ASN A 83 14.63 -24.11 14.88
CA ASN A 83 15.40 -22.95 15.31
C ASN A 83 16.67 -23.35 16.05
N LEU A 84 17.35 -24.35 15.51
CA LEU A 84 18.61 -24.79 16.10
C LEU A 84 19.61 -23.65 16.12
N THR A 85 20.42 -23.59 17.17
CA THR A 85 21.57 -22.71 17.17
C THR A 85 22.69 -23.31 16.34
N GLU A 86 23.65 -22.45 15.96
CA GLU A 86 24.74 -22.89 15.10
C GLU A 86 25.61 -23.93 15.78
N VAL A 87 25.79 -23.81 17.10
CA VAL A 87 26.45 -24.85 17.87
C VAL A 87 25.69 -26.17 17.73
N GLN A 88 24.36 -26.12 17.82
CA GLN A 88 23.58 -27.34 17.76
C GLN A 88 23.67 -27.98 16.37
N VAL A 89 23.66 -27.18 15.32
CA VAL A 89 23.80 -27.73 13.97
C VAL A 89 25.18 -28.37 13.82
N ALA A 90 26.24 -27.71 14.31
CA ALA A 90 27.57 -28.29 14.21
C ALA A 90 27.66 -29.60 14.97
N ARG A 91 27.06 -29.64 16.17
CA ARG A 91 27.06 -30.88 16.94
C ARG A 91 26.33 -31.99 16.20
N PHE A 92 25.15 -31.70 15.65
CA PHE A 92 24.46 -32.70 14.84
C PHE A 92 25.29 -33.09 13.63
N ALA A 93 25.91 -32.10 12.98
CA ALA A 93 26.69 -32.36 11.77
C ALA A 93 27.76 -33.42 12.02
N VAL A 94 28.61 -33.23 13.04
CA VAL A 94 29.63 -34.22 13.32
C VAL A 94 29.07 -35.52 13.86
N ASN A 95 27.77 -35.58 14.17
CA ASN A 95 27.14 -36.83 14.59
C ASN A 95 26.19 -37.41 13.56
N GLN A 96 26.10 -36.78 12.40
CA GLN A 96 25.12 -37.14 11.39
C GLN A 96 25.15 -38.64 11.10
N TYR A 97 26.35 -39.23 11.05
CA TYR A 97 26.46 -40.63 10.66
C TYR A 97 25.78 -41.56 11.65
N ARG A 98 25.50 -41.11 12.88
CA ARG A 98 24.82 -41.97 13.83
C ARG A 98 23.31 -41.98 13.66
N PHE A 99 22.77 -41.06 12.86
CA PHE A 99 21.33 -40.85 12.75
C PHE A 99 20.88 -40.95 11.30
N PRO A 100 21.00 -42.13 10.69
CA PRO A 100 20.42 -42.31 9.35
C PRO A 100 18.92 -42.09 9.42
N GLY A 101 18.40 -41.26 8.53
CA GLY A 101 16.99 -40.96 8.52
C GLY A 101 16.62 -39.70 9.26
N VAL A 102 17.54 -39.12 10.03
CA VAL A 102 17.36 -37.77 10.55
C VAL A 102 18.14 -36.84 9.65
N GLU A 103 17.52 -35.73 9.31
CA GLU A 103 18.07 -34.78 8.36
C GLU A 103 18.19 -33.44 9.05
N VAL A 104 19.21 -32.70 8.70
CA VAL A 104 19.31 -31.31 9.10
C VAL A 104 19.09 -30.49 7.84
N LYS A 105 18.28 -29.44 7.97
CA LYS A 105 17.83 -28.68 6.80
C LYS A 105 17.80 -27.20 7.15
N GLY A 106 18.11 -26.39 6.15
CA GLY A 106 18.01 -24.96 6.24
C GLY A 106 16.82 -24.49 5.42
N TYR A 107 16.05 -23.59 5.99
CA TYR A 107 14.92 -22.95 5.32
C TYR A 107 15.14 -21.45 5.38
N LYS A 108 15.11 -20.81 4.23
CA LYS A 108 15.15 -19.36 4.21
C LYS A 108 13.81 -18.82 4.70
N ARG A 109 13.85 -17.98 5.73
CA ARG A 109 12.66 -17.26 6.18
C ARG A 109 12.85 -15.77 5.98
N ARG A 110 11.73 -15.08 5.84
CA ARG A 110 11.74 -13.66 5.54
C ARG A 110 11.92 -12.84 6.82
N TYR A 111 12.62 -11.72 6.71
CA TYR A 111 12.91 -10.87 7.86
C TYR A 111 12.63 -9.41 7.47
N TYR A 112 11.90 -8.69 8.32
CA TYR A 112 11.58 -7.27 8.10
C TYR A 112 12.24 -6.43 9.18
N PRO A 113 13.41 -5.83 8.91
CA PRO A 113 14.13 -5.09 9.97
C PRO A 113 13.43 -3.85 10.47
N TYR A 114 12.67 -3.14 9.63
CA TYR A 114 12.02 -1.90 10.05
C TYR A 114 10.57 -2.09 10.41
N GLY A 115 10.13 -3.35 10.53
CA GLY A 115 8.82 -3.70 11.01
C GLY A 115 7.64 -2.84 10.57
N SER A 116 6.90 -2.37 11.56
CA SER A 116 5.60 -1.77 11.32
C SER A 116 5.66 -0.52 10.46
N ALA A 117 6.84 0.07 10.28
CA ALA A 117 6.90 1.26 9.43
C ALA A 117 6.59 0.96 7.97
N LEU A 118 6.68 -0.31 7.54
CA LEU A 118 6.52 -0.64 6.13
C LEU A 118 5.49 -1.74 5.92
N THR A 119 4.67 -2.01 6.93
CA THR A 119 3.77 -3.15 6.91
C THR A 119 2.89 -3.18 5.67
N HIS A 120 2.11 -2.13 5.46
CA HIS A 120 1.10 -2.16 4.41
C HIS A 120 1.72 -2.07 3.03
N VAL A 121 2.82 -1.33 2.91
CA VAL A 121 3.38 -1.14 1.58
C VAL A 121 4.24 -2.33 1.19
N ILE A 122 5.04 -2.87 2.11
CA ILE A 122 5.90 -4.00 1.77
C ILE A 122 5.13 -5.31 1.90
N GLY A 123 4.32 -5.43 2.93
CA GLY A 123 3.65 -6.68 3.18
C GLY A 123 4.52 -7.70 3.89
N TYR A 124 4.04 -8.93 3.89
CA TYR A 124 4.81 -10.03 4.46
C TYR A 124 4.63 -11.24 3.56
N VAL A 125 5.53 -12.20 3.74
CA VAL A 125 5.35 -13.54 3.19
C VAL A 125 5.04 -14.47 4.36
N SER A 126 4.12 -15.39 4.16
CA SER A 126 3.85 -16.38 5.20
C SER A 126 3.39 -17.66 4.52
N LYS A 127 3.02 -18.64 5.35
CA LYS A 127 2.83 -20.02 4.88
C LYS A 127 1.75 -20.08 3.82
N ILE A 128 2.02 -20.83 2.75
CA ILE A 128 1.02 -21.00 1.70
C ILE A 128 -0.19 -21.74 2.25
N ASN A 129 -1.38 -21.26 1.92
CA ASN A 129 -2.60 -21.97 2.28
C ASN A 129 -3.36 -22.36 1.01
N ASP A 130 -4.57 -22.88 1.20
CA ASP A 130 -5.28 -23.53 0.10
C ASP A 130 -5.77 -22.56 -0.95
N LYS A 131 -6.00 -21.29 -0.58
CA LYS A 131 -6.41 -20.31 -1.58
C LYS A 131 -5.22 -19.78 -2.34
N ASP A 132 -4.04 -19.75 -1.71
CA ASP A 132 -2.81 -19.54 -2.46
C ASP A 132 -2.62 -20.64 -3.49
N VAL A 133 -2.71 -21.91 -3.05
CA VAL A 133 -2.63 -23.04 -3.98
C VAL A 133 -3.59 -22.86 -5.14
N GLU A 134 -4.86 -22.58 -4.83
CA GLU A 134 -5.86 -22.41 -5.87
C GLU A 134 -5.48 -21.28 -6.83
N ARG A 135 -5.17 -20.11 -6.28
CA ARG A 135 -4.82 -18.99 -7.12
C ARG A 135 -3.59 -19.26 -7.97
N LEU A 136 -2.61 -20.00 -7.43
CA LEU A 136 -1.45 -20.36 -8.21
C LEU A 136 -1.81 -21.34 -9.31
N ASN A 137 -2.75 -22.25 -9.03
CA ASN A 137 -3.10 -23.26 -10.01
C ASN A 137 -3.96 -22.68 -11.12
N ASN A 138 -4.77 -21.67 -10.81
CA ASN A 138 -5.46 -20.95 -11.89
C ASN A 138 -4.46 -20.18 -12.74
N ASP A 139 -3.59 -19.41 -12.10
CA ASP A 139 -2.58 -18.66 -12.83
C ASP A 139 -1.57 -19.57 -13.53
N GLY A 140 -1.67 -20.88 -13.34
CA GLY A 140 -0.76 -21.81 -13.96
C GLY A 140 0.69 -21.62 -13.54
N LYS A 141 0.89 -21.43 -12.24
CA LYS A 141 2.22 -21.23 -11.68
C LYS A 141 2.59 -22.30 -10.68
N LEU A 142 1.68 -23.24 -10.41
CA LEU A 142 1.91 -24.18 -9.33
C LEU A 142 3.17 -25.02 -9.54
N ALA A 143 3.48 -25.35 -10.80
CA ALA A 143 4.64 -26.20 -11.09
C ALA A 143 5.91 -25.67 -10.44
N ASN A 144 6.05 -24.36 -10.41
CA ASN A 144 7.22 -23.63 -9.92
C ASN A 144 7.22 -23.46 -8.41
N TYR A 145 6.31 -24.09 -7.68
CA TYR A 145 6.26 -23.98 -6.21
C TYR A 145 6.43 -25.34 -5.56
N ALA A 146 6.94 -26.34 -6.30
CA ALA A 146 7.06 -27.69 -5.77
C ALA A 146 7.80 -27.70 -4.43
N ALA A 147 8.73 -26.79 -4.23
CA ALA A 147 9.50 -26.76 -2.99
C ALA A 147 9.30 -25.46 -2.22
N THR A 148 8.39 -24.61 -2.68
CA THR A 148 8.14 -23.34 -2.04
C THR A 148 6.92 -23.46 -1.12
N HIS A 149 7.07 -22.95 0.09
CA HIS A 149 6.03 -23.10 1.09
C HIS A 149 5.52 -21.79 1.67
N ASP A 150 6.14 -20.65 1.37
CA ASP A 150 5.63 -19.34 1.76
C ASP A 150 5.39 -18.48 0.51
N ILE A 151 4.67 -17.38 0.70
CA ILE A 151 4.23 -16.59 -0.46
C ILE A 151 3.84 -15.19 0.02
N GLY A 152 4.09 -14.21 -0.83
CA GLY A 152 3.63 -12.85 -0.58
C GLY A 152 2.13 -12.77 -0.27
N LYS A 153 1.79 -12.17 0.86
CA LYS A 153 0.39 -12.12 1.25
C LYS A 153 -0.24 -10.76 1.02
N LEU A 154 0.54 -9.67 1.10
CA LEU A 154 0.02 -8.37 0.70
C LEU A 154 1.21 -7.47 0.42
N GLY A 155 0.90 -6.24 0.00
CA GLY A 155 1.94 -5.26 -0.25
C GLY A 155 2.75 -5.60 -1.47
N ILE A 156 3.97 -5.05 -1.49
CA ILE A 156 4.91 -5.35 -2.56
C ILE A 156 5.27 -6.83 -2.59
N GLU A 157 5.33 -7.48 -1.44
CA GLU A 157 5.68 -8.90 -1.45
C GLU A 157 4.69 -9.71 -2.26
N ARG A 158 3.42 -9.33 -2.26
CA ARG A 158 2.44 -10.07 -3.04
C ARG A 158 2.37 -9.58 -4.49
N TYR A 159 2.31 -8.26 -4.69
CA TYR A 159 2.16 -7.75 -6.04
C TYR A 159 3.29 -8.24 -6.94
N TYR A 160 4.50 -8.34 -6.40
CA TYR A 160 5.67 -8.77 -7.15
C TYR A 160 6.11 -10.20 -6.78
N GLU A 161 5.21 -11.01 -6.21
CA GLU A 161 5.56 -12.38 -5.87
C GLU A 161 6.29 -13.10 -7.02
N ASP A 162 5.80 -12.94 -8.26
CA ASP A 162 6.34 -13.71 -9.38
C ASP A 162 7.82 -13.37 -9.60
N VAL A 163 8.16 -12.08 -9.59
CA VAL A 163 9.56 -11.72 -9.80
C VAL A 163 10.40 -12.06 -8.57
N LEU A 164 9.84 -11.86 -7.38
CA LEU A 164 10.61 -12.07 -6.14
C LEU A 164 10.92 -13.55 -5.92
N HIS A 165 10.10 -14.44 -6.45
CA HIS A 165 10.15 -15.86 -6.08
C HIS A 165 11.33 -16.58 -6.75
N GLY A 166 11.52 -16.40 -8.04
CA GLY A 166 12.59 -17.07 -8.73
C GLY A 166 12.14 -18.36 -9.38
N GLN A 167 13.13 -19.09 -9.90
CA GLN A 167 12.88 -20.28 -10.69
C GLN A 167 13.33 -21.51 -9.92
N THR A 168 12.39 -22.38 -9.59
CA THR A 168 12.72 -23.61 -8.88
C THR A 168 13.74 -24.43 -9.68
N GLY A 169 14.71 -25.01 -8.98
CA GLY A 169 15.64 -25.95 -9.56
C GLY A 169 15.36 -27.37 -9.11
N TYR A 170 16.34 -28.24 -9.30
CA TYR A 170 16.13 -29.65 -8.97
C TYR A 170 17.45 -30.40 -8.91
N GLU A 171 17.44 -31.50 -8.16
CA GLU A 171 18.60 -32.37 -8.01
C GLU A 171 18.17 -33.82 -8.24
N GLU A 172 19.09 -34.61 -8.78
CA GLU A 172 18.94 -36.07 -8.88
C GLU A 172 19.72 -36.71 -7.74
N VAL A 173 19.04 -37.49 -6.90
CA VAL A 173 19.67 -38.10 -5.74
C VAL A 173 19.40 -39.60 -5.73
N GLU A 174 20.39 -40.37 -5.30
CA GLU A 174 20.30 -41.81 -5.23
C GLU A 174 19.77 -42.22 -3.86
N VAL A 175 18.78 -43.11 -3.84
CA VAL A 175 18.23 -43.56 -2.56
C VAL A 175 18.31 -45.08 -2.44
N ASN A 176 18.53 -45.53 -1.20
CA ASN A 176 18.69 -46.95 -0.90
C ASN A 176 17.32 -47.60 -0.69
N ASN A 177 17.36 -48.87 -0.29
CA ASN A 177 16.13 -49.66 -0.14
C ASN A 177 15.13 -48.99 0.78
N ARG A 178 15.60 -48.39 1.88
CA ARG A 178 14.76 -47.76 2.88
C ARG A 178 14.47 -46.29 2.56
N GLY A 179 14.93 -45.80 1.41
CA GLY A 179 14.56 -44.48 0.94
C GLY A 179 15.38 -43.34 1.48
N ARG A 180 16.60 -43.61 1.96
CA ARG A 180 17.47 -42.57 2.46
C ARG A 180 18.44 -42.15 1.37
N VAL A 181 18.67 -40.85 1.26
CA VAL A 181 19.57 -40.32 0.22
C VAL A 181 21.00 -40.70 0.58
N ILE A 182 21.73 -41.19 -0.41
CA ILE A 182 23.11 -41.57 -0.12
C ILE A 182 24.06 -40.69 -0.94
N ARG A 183 23.61 -40.24 -2.11
CA ARG A 183 24.48 -39.45 -2.97
C ARG A 183 23.62 -38.51 -3.84
N GLN A 184 24.18 -37.36 -4.21
CA GLN A 184 23.58 -36.47 -5.18
C GLN A 184 24.25 -36.67 -6.51
N LEU A 185 23.46 -36.99 -7.54
CA LEU A 185 24.04 -37.28 -8.86
C LEU A 185 24.26 -36.00 -9.65
N LYS A 186 23.22 -35.26 -9.93
CA LYS A 186 23.33 -34.02 -10.67
C LYS A 186 22.47 -32.98 -9.97
N GLU A 187 22.87 -31.70 -10.10
CA GLU A 187 22.15 -30.59 -9.51
C GLU A 187 21.98 -29.51 -10.58
N VAL A 188 20.73 -29.17 -10.87
CA VAL A 188 20.43 -28.03 -11.73
C VAL A 188 19.94 -26.92 -10.80
N PRO A 189 20.76 -25.94 -10.51
CA PRO A 189 20.47 -25.07 -9.36
C PRO A 189 19.28 -24.17 -9.64
N PRO A 190 18.58 -23.72 -8.60
CA PRO A 190 17.52 -22.73 -8.82
C PRO A 190 18.15 -21.40 -9.20
N GLN A 191 17.29 -20.46 -9.57
CA GLN A 191 17.73 -19.09 -9.83
C GLN A 191 16.97 -18.17 -8.88
N ALA A 192 17.72 -17.38 -8.12
CA ALA A 192 17.13 -16.47 -7.16
C ALA A 192 16.09 -15.60 -7.85
N GLY A 193 15.07 -15.24 -7.08
CA GLY A 193 14.17 -14.21 -7.56
C GLY A 193 14.92 -12.93 -7.86
N HIS A 194 14.26 -12.03 -8.58
CA HIS A 194 14.83 -10.74 -8.87
C HIS A 194 14.84 -9.87 -7.63
N ASP A 195 15.88 -9.04 -7.49
CA ASP A 195 15.84 -7.97 -6.52
C ASP A 195 15.02 -6.82 -7.09
N ILE A 196 14.23 -6.17 -6.24
CA ILE A 196 13.45 -5.03 -6.68
C ILE A 196 13.84 -3.81 -5.86
N TYR A 197 13.94 -2.67 -6.53
CA TYR A 197 14.34 -1.42 -5.93
C TYR A 197 13.13 -0.49 -5.93
N LEU A 198 12.70 -0.09 -4.74
CA LEU A 198 11.51 0.72 -4.60
C LEU A 198 11.85 2.20 -4.59
N THR A 199 10.85 3.02 -4.90
CA THR A 199 10.95 4.46 -4.84
C THR A 199 10.87 5.00 -3.42
N LEU A 200 10.62 4.14 -2.43
CA LEU A 200 10.39 4.59 -1.07
C LEU A 200 11.67 5.15 -0.45
N ASP A 201 11.49 6.19 0.34
CA ASP A 201 12.54 6.67 1.22
C ASP A 201 12.24 6.14 2.63
N LEU A 202 13.07 5.23 3.11
CA LEU A 202 12.81 4.56 4.38
C LEU A 202 12.82 5.54 5.56
N LYS A 203 13.77 6.48 5.58
CA LYS A 203 13.79 7.42 6.71
C LYS A 203 12.60 8.36 6.67
N LEU A 204 12.11 8.71 5.49
CA LEU A 204 10.89 9.52 5.41
C LEU A 204 9.67 8.74 5.90
N GLN A 205 9.62 7.44 5.59
CA GLN A 205 8.51 6.61 6.02
C GLN A 205 8.49 6.42 7.53
N GLN A 206 9.67 6.28 8.13
CA GLN A 206 9.71 6.11 9.59
C GLN A 206 9.31 7.40 10.28
N TYR A 207 9.80 8.53 9.76
CA TYR A 207 9.40 9.83 10.31
C TYR A 207 7.90 9.99 10.29
N ILE A 208 7.27 9.73 9.13
CA ILE A 208 5.84 9.92 9.02
C ILE A 208 5.11 9.00 9.99
N GLU A 209 5.54 7.73 10.04
CA GLU A 209 4.95 6.80 10.99
C GLU A 209 5.04 7.35 12.41
N THR A 210 6.17 7.99 12.74
CA THR A 210 6.29 8.67 14.03
C THR A 210 5.29 9.81 14.17
N LEU A 211 5.11 10.61 13.11
CA LEU A 211 4.16 11.72 13.19
C LEU A 211 2.75 11.22 13.45
N LEU A 212 2.40 10.06 12.87
CA LEU A 212 1.02 9.59 12.89
C LEU A 212 0.65 8.85 14.16
N ALA A 213 1.58 8.72 15.10
CA ALA A 213 1.40 7.83 16.25
C ALA A 213 0.07 8.09 16.93
N GLY A 214 -0.70 7.02 17.11
CA GLY A 214 -1.94 7.06 17.84
C GLY A 214 -3.18 7.23 17.01
N SER A 215 -3.06 7.76 15.80
CA SER A 215 -4.21 8.09 14.97
C SER A 215 -4.47 7.00 13.93
N ARG A 216 -5.74 6.91 13.51
CA ARG A 216 -6.10 6.21 12.27
C ARG A 216 -5.90 7.20 11.12
N ALA A 217 -4.91 6.95 10.27
CA ALA A 217 -4.49 7.94 9.30
C ALA A 217 -3.87 7.25 8.10
N ALA A 218 -3.78 8.01 7.00
CA ALA A 218 -3.02 7.61 5.83
C ALA A 218 -2.29 8.81 5.25
N VAL A 219 -1.06 8.57 4.79
CA VAL A 219 -0.24 9.57 4.13
C VAL A 219 0.33 8.93 2.86
N VAL A 220 0.20 9.63 1.74
CA VAL A 220 0.91 9.28 0.51
C VAL A 220 1.78 10.46 0.17
N VAL A 221 3.07 10.21 0.01
CA VAL A 221 3.99 11.22 -0.48
C VAL A 221 4.54 10.72 -1.80
N THR A 222 4.47 11.57 -2.82
CA THR A 222 4.96 11.23 -4.15
C THR A 222 5.92 12.29 -4.64
N ASP A 223 6.79 11.88 -5.57
CA ASP A 223 7.49 12.84 -6.40
C ASP A 223 6.66 13.03 -7.65
N PRO A 224 6.06 14.20 -7.86
CA PRO A 224 5.25 14.41 -9.07
C PRO A 224 6.06 14.43 -10.35
N ARG A 225 7.37 14.68 -10.28
CA ARG A 225 8.18 14.59 -11.49
C ARG A 225 8.23 13.17 -12.04
N THR A 226 8.04 12.16 -11.17
CA THR A 226 8.11 10.76 -11.58
C THR A 226 6.90 9.91 -11.23
N GLY A 227 6.02 10.38 -10.35
CA GLY A 227 4.96 9.55 -9.84
C GLY A 227 5.38 8.53 -8.81
N GLY A 228 6.65 8.51 -8.42
CA GLY A 228 7.11 7.53 -7.44
C GLY A 228 6.52 7.80 -6.07
N VAL A 229 6.34 6.74 -5.29
CA VAL A 229 5.78 6.82 -3.95
C VAL A 229 6.95 6.89 -2.97
N LEU A 230 7.24 8.10 -2.46
CA LEU A 230 8.33 8.24 -1.52
C LEU A 230 7.96 7.70 -0.14
N ALA A 231 6.68 7.67 0.17
CA ALA A 231 6.21 7.10 1.40
C ALA A 231 4.73 6.84 1.21
N LEU A 232 4.28 5.72 1.75
CA LEU A 232 2.86 5.37 1.77
C LEU A 232 2.65 4.70 3.12
N VAL A 233 2.08 5.42 4.08
CA VAL A 233 1.95 4.86 5.42
C VAL A 233 0.47 4.86 5.80
N SER A 234 0.06 3.83 6.55
CA SER A 234 -1.30 3.70 7.07
C SER A 234 -1.16 3.37 8.54
N THR A 235 -1.78 4.17 9.40
CA THR A 235 -1.70 3.85 10.82
C THR A 235 -3.10 3.69 11.37
N PRO A 236 -3.28 2.88 12.42
CA PRO A 236 -2.23 2.09 13.07
C PRO A 236 -1.73 0.93 12.21
N SER A 237 -0.51 0.49 12.49
CA SER A 237 0.12 -0.59 11.79
C SER A 237 0.31 -1.79 12.73
N TYR A 238 1.23 -2.69 12.38
CA TYR A 238 1.54 -3.89 13.16
C TYR A 238 2.81 -4.47 12.59
N ASP A 239 3.36 -5.45 13.30
CA ASP A 239 4.66 -6.00 12.99
C ASP A 239 4.52 -7.11 11.96
N PRO A 240 5.01 -6.93 10.72
CA PRO A 240 4.87 -8.00 9.72
C PRO A 240 5.64 -9.26 10.08
N ASN A 241 6.64 -9.18 10.97
CA ASN A 241 7.40 -10.38 11.32
C ASN A 241 6.52 -11.40 12.04
N LEU A 242 5.45 -10.94 12.69
CA LEU A 242 4.53 -11.84 13.36
C LEU A 242 4.05 -12.96 12.46
N PHE A 243 3.77 -12.66 11.20
CA PHE A 243 3.18 -13.66 10.31
C PHE A 243 4.19 -14.62 9.72
N VAL A 244 5.45 -14.21 9.62
CA VAL A 244 6.43 -14.95 8.81
C VAL A 244 6.58 -16.39 9.30
N ASP A 245 6.85 -16.56 10.59
CA ASP A 245 6.99 -17.91 11.16
C ASP A 245 5.67 -18.45 11.69
N GLY A 246 4.55 -17.95 11.19
CA GLY A 246 3.24 -18.39 11.64
C GLY A 246 2.76 -17.55 12.80
N ILE A 247 1.67 -16.83 12.62
CA ILE A 247 1.21 -15.92 13.66
C ILE A 247 0.36 -16.67 14.68
N SER A 248 0.56 -16.33 15.94
CA SER A 248 -0.30 -16.82 17.01
C SER A 248 -1.75 -16.47 16.70
N SER A 249 -2.67 -17.39 17.01
CA SER A 249 -4.07 -17.01 16.87
C SER A 249 -4.47 -16.02 17.95
N LYS A 250 -3.78 -16.06 19.11
CA LYS A 250 -3.90 -14.98 20.09
C LYS A 250 -3.49 -13.64 19.48
N ASP A 251 -2.27 -13.58 18.92
CA ASP A 251 -1.79 -12.38 18.26
C ASP A 251 -2.71 -11.98 17.11
N TYR A 252 -3.21 -12.97 16.36
CA TYR A 252 -3.96 -12.62 15.16
C TYR A 252 -5.36 -12.13 15.50
N SER A 253 -6.03 -12.76 16.46
CA SER A 253 -7.33 -12.27 16.89
C SER A 253 -7.22 -10.88 17.52
N ALA A 254 -6.07 -10.55 18.12
CA ALA A 254 -5.86 -9.19 18.62
C ALA A 254 -5.82 -8.17 17.48
N LEU A 255 -5.31 -8.56 16.31
CA LEU A 255 -5.28 -7.62 15.21
C LEU A 255 -6.68 -7.41 14.65
N LEU A 256 -7.40 -8.50 14.34
CA LEU A 256 -8.75 -8.37 13.77
C LEU A 256 -9.68 -7.66 14.72
N ASN A 257 -9.56 -7.94 16.03
CA ASN A 257 -10.46 -7.36 17.01
C ASN A 257 -10.06 -5.95 17.43
N ASP A 258 -8.94 -5.43 16.94
CA ASP A 258 -8.63 -4.03 17.18
C ASP A 258 -9.68 -3.17 16.47
N PRO A 259 -10.43 -2.35 17.20
CA PRO A 259 -11.42 -1.48 16.54
C PRO A 259 -10.78 -0.41 15.69
N ASN A 260 -9.48 -0.17 15.84
CA ASN A 260 -8.76 0.75 14.98
C ASN A 260 -8.27 0.08 13.70
N THR A 261 -8.69 -1.19 13.46
CA THR A 261 -8.51 -1.97 12.24
C THR A 261 -7.13 -1.78 11.62
N PRO A 262 -6.05 -2.23 12.28
CA PRO A 262 -4.72 -2.02 11.69
C PRO A 262 -4.46 -2.86 10.46
N LEU A 263 -5.32 -3.83 10.14
CA LEU A 263 -5.07 -4.61 8.94
C LEU A 263 -5.41 -3.85 7.68
N VAL A 264 -6.15 -2.75 7.79
CA VAL A 264 -6.59 -2.01 6.63
C VAL A 264 -5.46 -1.11 6.16
N ASN A 265 -5.14 -1.20 4.87
CA ASN A 265 -4.23 -0.22 4.28
C ASN A 265 -5.06 1.02 3.98
N ARG A 266 -4.99 2.02 4.86
CA ARG A 266 -5.85 3.19 4.66
C ARG A 266 -5.46 3.99 3.44
N ALA A 267 -4.20 3.88 3.00
CA ALA A 267 -3.75 4.70 1.88
C ALA A 267 -4.39 4.26 0.58
N THR A 268 -4.64 2.95 0.41
CA THR A 268 -5.20 2.43 -0.84
C THR A 268 -6.57 1.82 -0.69
N GLN A 269 -6.98 1.46 0.53
CA GLN A 269 -8.30 0.92 0.78
C GLN A 269 -9.14 1.80 1.68
N GLY A 270 -8.59 2.92 2.16
CA GLY A 270 -9.39 3.86 2.93
C GLY A 270 -10.26 4.67 2.00
N VAL A 271 -11.57 4.62 2.21
CA VAL A 271 -12.52 5.19 1.27
C VAL A 271 -13.26 6.29 2.00
N TYR A 272 -13.07 7.53 1.58
CA TYR A 272 -13.60 8.68 2.28
C TYR A 272 -14.13 9.69 1.28
N PRO A 273 -15.03 10.57 1.70
CA PRO A 273 -15.38 11.71 0.89
C PRO A 273 -14.16 12.61 0.70
N PRO A 274 -13.77 12.89 -0.53
CA PRO A 274 -12.62 13.77 -0.74
C PRO A 274 -12.88 15.19 -0.31
N ALA A 275 -14.16 15.60 -0.22
CA ALA A 275 -14.58 16.93 0.21
C ALA A 275 -13.85 18.04 -0.56
N SER A 276 -13.43 19.06 0.17
CA SER A 276 -12.93 20.32 -0.44
C SER A 276 -11.65 20.13 -1.19
N THR A 277 -10.95 19.05 -0.90
CA THR A 277 -9.69 18.77 -1.60
C THR A 277 -9.90 18.63 -3.11
N VAL A 278 -11.14 18.40 -3.54
CA VAL A 278 -11.40 18.30 -4.97
C VAL A 278 -11.62 19.65 -5.64
N LYS A 279 -11.87 20.71 -4.88
CA LYS A 279 -12.19 22.01 -5.49
C LYS A 279 -11.20 22.43 -6.56
N PRO A 280 -9.88 22.20 -6.41
CA PRO A 280 -8.95 22.58 -7.50
C PRO A 280 -9.24 21.85 -8.81
N TYR A 281 -9.55 20.55 -8.75
CA TYR A 281 -9.81 19.79 -9.96
C TYR A 281 -11.19 20.13 -10.55
N VAL A 282 -12.20 20.32 -9.70
CA VAL A 282 -13.49 20.80 -10.19
C VAL A 282 -13.30 22.13 -10.90
N ALA A 283 -12.40 22.97 -10.39
CA ALA A 283 -12.18 24.29 -10.98
C ALA A 283 -11.59 24.17 -12.38
N VAL A 284 -10.41 23.55 -12.49
CA VAL A 284 -9.82 23.27 -13.80
C VAL A 284 -10.87 22.72 -14.77
N SER A 285 -11.71 21.80 -14.28
CA SER A 285 -12.68 21.16 -15.15
C SER A 285 -13.70 22.17 -15.69
N ALA A 286 -14.16 23.06 -14.82
CA ALA A 286 -15.14 24.06 -15.20
C ALA A 286 -14.55 25.07 -16.17
N LEU A 287 -13.32 25.51 -15.92
CA LEU A 287 -12.65 26.40 -16.86
C LEU A 287 -12.49 25.74 -18.22
N SER A 288 -12.09 24.46 -18.24
CA SER A 288 -11.99 23.76 -19.51
C SER A 288 -13.35 23.61 -20.17
N ALA A 289 -14.36 23.23 -19.39
CA ALA A 289 -15.70 23.07 -19.94
C ALA A 289 -16.27 24.39 -20.43
N GLY A 290 -15.72 25.51 -19.98
CA GLY A 290 -16.21 26.81 -20.37
C GLY A 290 -17.37 27.32 -19.54
N VAL A 291 -17.79 26.60 -18.50
CA VAL A 291 -18.88 27.09 -17.68
C VAL A 291 -18.42 28.09 -16.63
N ILE A 292 -17.12 28.30 -16.47
CA ILE A 292 -16.61 29.44 -15.72
C ILE A 292 -15.35 29.96 -16.42
N THR A 293 -14.82 31.03 -15.84
CA THR A 293 -13.86 31.94 -16.43
C THR A 293 -13.00 32.41 -15.27
N ARG A 294 -11.78 32.86 -15.57
CA ARG A 294 -10.99 33.50 -14.53
C ARG A 294 -11.74 34.67 -13.89
N ASN A 295 -12.68 35.31 -14.60
CA ASN A 295 -13.36 36.51 -14.12
C ASN A 295 -14.79 36.29 -13.67
N THR A 296 -15.35 35.10 -13.89
CA THR A 296 -16.68 34.79 -13.38
C THR A 296 -16.81 35.14 -11.91
N THR A 297 -17.92 35.80 -11.54
CA THR A 297 -18.13 36.21 -10.17
C THR A 297 -19.58 35.99 -9.75
N LEU A 298 -19.81 35.76 -8.46
CA LEU A 298 -21.13 35.63 -7.89
C LEU A 298 -21.10 36.17 -6.48
N PHE A 299 -22.24 36.58 -5.97
CA PHE A 299 -22.32 37.04 -4.60
C PHE A 299 -22.85 35.91 -3.71
N ASP A 300 -22.07 35.54 -2.71
CA ASP A 300 -22.43 34.46 -1.82
C ASP A 300 -23.03 35.01 -0.53
N PRO A 301 -24.29 34.73 -0.23
CA PRO A 301 -24.89 35.12 1.04
C PRO A 301 -24.67 34.11 2.16
N GLY A 302 -23.90 33.07 1.91
CA GLY A 302 -23.70 31.99 2.85
C GLY A 302 -24.44 30.73 2.49
N TRP A 303 -25.11 30.70 1.35
CA TRP A 303 -25.91 29.54 0.93
C TRP A 303 -26.17 29.67 -0.56
N TRP A 304 -26.87 28.67 -1.12
CA TRP A 304 -27.13 28.59 -2.54
C TRP A 304 -28.39 27.76 -2.74
N GLN A 305 -29.29 28.24 -3.61
CA GLN A 305 -30.59 27.63 -3.79
C GLN A 305 -30.68 26.96 -5.17
N LEU A 306 -31.17 25.72 -5.18
CA LEU A 306 -31.32 25.02 -6.43
C LEU A 306 -32.44 25.67 -7.25
N PRO A 307 -32.19 26.08 -8.49
CA PRO A 307 -33.24 26.71 -9.29
C PRO A 307 -34.48 25.83 -9.39
N GLY A 308 -35.64 26.48 -9.31
CA GLY A 308 -36.90 25.76 -9.31
C GLY A 308 -37.12 24.88 -8.10
N SER A 309 -36.67 25.33 -6.92
CA SER A 309 -36.76 24.47 -5.75
C SER A 309 -36.48 25.30 -4.50
N GLU A 310 -37.06 24.87 -3.39
CA GLU A 310 -36.76 25.47 -2.09
C GLU A 310 -35.51 24.88 -1.46
N LYS A 311 -34.88 23.90 -2.12
CA LYS A 311 -33.65 23.24 -1.65
C LYS A 311 -32.50 24.25 -1.56
N ARG A 312 -32.00 24.51 -0.36
CA ARG A 312 -30.87 25.41 -0.17
C ARG A 312 -29.69 24.63 0.41
N TYR A 313 -28.53 24.82 -0.20
CA TYR A 313 -27.27 24.25 0.25
C TYR A 313 -26.43 25.32 0.94
N ARG A 314 -25.70 24.93 1.96
CA ARG A 314 -25.01 25.92 2.77
C ARG A 314 -23.52 25.98 2.44
N ASP A 315 -22.97 27.17 2.62
CA ASP A 315 -21.53 27.38 2.69
C ASP A 315 -21.09 27.14 4.13
N TRP A 316 -19.78 26.97 4.31
CA TRP A 316 -19.28 26.84 5.67
C TRP A 316 -19.26 28.19 6.37
N LYS A 317 -19.10 29.28 5.64
CA LYS A 317 -19.18 30.62 6.22
C LYS A 317 -20.65 31.01 6.35
N LYS A 318 -21.10 31.22 7.58
CA LYS A 318 -22.54 31.33 7.84
C LYS A 318 -23.17 32.45 7.02
N TRP A 319 -22.47 33.58 6.90
CA TRP A 319 -23.02 34.73 6.19
C TRP A 319 -22.30 35.00 4.88
N GLY A 320 -21.54 34.03 4.38
CA GLY A 320 -20.99 34.09 3.04
C GLY A 320 -19.62 34.73 2.95
N HIS A 321 -19.02 34.58 1.77
CA HIS A 321 -17.73 35.16 1.43
C HIS A 321 -17.87 36.44 0.61
N GLY A 322 -19.05 37.05 0.56
CA GLY A 322 -19.23 38.20 -0.33
C GLY A 322 -19.03 37.80 -1.79
N ARG A 323 -18.24 38.59 -2.51
CA ARG A 323 -18.08 38.42 -3.95
C ARG A 323 -17.00 37.38 -4.21
N LEU A 324 -17.32 36.35 -4.97
CA LEU A 324 -16.41 35.22 -5.17
C LEU A 324 -16.14 34.98 -6.65
N ASN A 325 -14.85 34.86 -6.99
CA ASN A 325 -14.37 34.23 -8.22
C ASN A 325 -13.71 32.91 -7.87
N VAL A 326 -13.18 32.22 -8.88
CA VAL A 326 -12.66 30.88 -8.64
C VAL A 326 -11.41 30.93 -7.77
N THR A 327 -10.57 31.97 -7.96
CA THR A 327 -9.38 32.14 -7.15
C THR A 327 -9.72 32.24 -5.67
N ARG A 328 -10.55 33.22 -5.33
CA ARG A 328 -10.91 33.44 -3.93
C ARG A 328 -11.68 32.25 -3.35
N SER A 329 -12.46 31.55 -4.18
CA SER A 329 -13.20 30.39 -3.69
C SER A 329 -12.26 29.26 -3.29
N LEU A 330 -11.23 29.02 -4.11
CA LEU A 330 -10.20 28.08 -3.71
C LEU A 330 -9.49 28.56 -2.44
N GLU A 331 -9.18 29.86 -2.37
CA GLU A 331 -8.41 30.39 -1.26
C GLU A 331 -9.13 30.15 0.06
N GLU A 332 -10.43 30.45 0.10
CA GLU A 332 -11.22 30.35 1.31
C GLU A 332 -12.09 29.11 1.32
N SER A 333 -11.88 28.22 0.35
CA SER A 333 -12.63 27.00 0.24
C SER A 333 -14.13 27.30 0.32
N ALA A 334 -14.57 28.21 -0.55
CA ALA A 334 -15.99 28.52 -0.62
C ALA A 334 -16.75 27.33 -1.18
N ASP A 335 -17.94 27.08 -0.64
CA ASP A 335 -18.81 26.05 -1.18
C ASP A 335 -19.78 26.60 -2.22
N THR A 336 -20.33 27.79 -1.94
CA THR A 336 -21.35 28.37 -2.81
C THR A 336 -20.89 28.47 -4.24
N PHE A 337 -19.65 28.91 -4.46
CA PHE A 337 -19.15 28.98 -5.82
C PHE A 337 -19.21 27.62 -6.50
N PHE A 338 -18.83 26.55 -5.78
CA PHE A 338 -18.76 25.24 -6.42
C PHE A 338 -20.13 24.57 -6.53
N TYR A 339 -21.03 24.81 -5.57
CA TYR A 339 -22.43 24.44 -5.79
C TYR A 339 -22.91 24.92 -7.14
N GLN A 340 -22.67 26.20 -7.43
CA GLN A 340 -23.08 26.76 -8.72
C GLN A 340 -22.35 26.08 -9.87
N VAL A 341 -21.03 25.92 -9.77
CA VAL A 341 -20.28 25.26 -10.82
C VAL A 341 -20.84 23.87 -11.09
N ALA A 342 -21.15 23.12 -10.05
CA ALA A 342 -21.70 21.78 -10.24
C ALA A 342 -23.01 21.81 -11.02
N TYR A 343 -23.97 22.63 -10.53
CA TYR A 343 -25.24 22.82 -11.23
C TYR A 343 -25.03 23.08 -12.71
N ASP A 344 -24.11 23.99 -13.04
CA ASP A 344 -23.90 24.36 -14.44
C ASP A 344 -23.21 23.25 -15.21
N MET A 345 -22.27 22.55 -14.57
CA MET A 345 -21.55 21.47 -15.25
C MET A 345 -22.48 20.32 -15.60
N GLY A 346 -23.40 19.98 -14.69
CA GLY A 346 -24.20 18.76 -14.79
C GLY A 346 -23.37 17.55 -14.40
N ILE A 347 -24.01 16.59 -13.72
CA ILE A 347 -23.31 15.39 -13.27
C ILE A 347 -22.57 14.71 -14.42
N ASP A 348 -23.18 14.68 -15.62
CA ASP A 348 -22.56 14.03 -16.77
C ASP A 348 -21.16 14.57 -17.02
N ARG A 349 -21.05 15.88 -17.31
CA ARG A 349 -19.74 16.49 -17.52
C ARG A 349 -18.88 16.42 -16.27
N LEU A 350 -19.48 16.51 -15.10
CA LEU A 350 -18.68 16.63 -13.90
C LEU A 350 -18.01 15.30 -13.57
N SER A 351 -18.77 14.21 -13.66
CA SER A 351 -18.19 12.89 -13.41
C SER A 351 -17.18 12.55 -14.49
N GLU A 352 -17.50 12.90 -15.74
CA GLU A 352 -16.59 12.57 -16.83
C GLU A 352 -15.23 13.23 -16.60
N TRP A 353 -15.22 14.47 -16.13
CA TRP A 353 -13.96 15.16 -15.88
C TRP A 353 -13.23 14.60 -14.64
N MET A 354 -13.96 14.41 -13.55
CA MET A 354 -13.35 13.88 -12.34
C MET A 354 -12.85 12.46 -12.57
N GLY A 355 -13.55 11.69 -13.39
CA GLY A 355 -13.04 10.39 -13.77
C GLY A 355 -11.73 10.48 -14.52
N LYS A 356 -11.53 11.56 -15.28
CA LYS A 356 -10.27 11.79 -15.97
C LYS A 356 -9.14 12.18 -15.01
N PHE A 357 -9.47 12.66 -13.81
CA PHE A 357 -8.45 12.84 -12.76
C PHE A 357 -8.22 11.57 -11.96
N GLY A 358 -8.98 10.52 -12.22
CA GLY A 358 -8.74 9.22 -11.63
C GLY A 358 -9.77 8.78 -10.63
N TYR A 359 -10.60 9.69 -10.12
CA TYR A 359 -11.62 9.31 -9.15
C TYR A 359 -12.54 8.22 -9.69
N GLY A 360 -12.92 7.29 -8.82
CA GLY A 360 -13.76 6.18 -9.21
C GLY A 360 -13.06 5.04 -9.91
N HIS A 361 -11.78 5.20 -10.26
CA HIS A 361 -10.99 4.19 -10.94
C HIS A 361 -9.81 3.79 -10.08
N TYR A 362 -9.33 2.57 -10.29
CA TYR A 362 -8.09 2.16 -9.67
C TYR A 362 -6.94 2.99 -10.21
N THR A 363 -6.00 3.34 -9.33
CA THR A 363 -4.98 4.31 -9.70
C THR A 363 -3.95 3.71 -10.64
N GLY A 364 -3.76 2.40 -10.57
CA GLY A 364 -2.64 1.72 -11.21
C GLY A 364 -1.43 1.49 -10.32
N ILE A 365 -1.53 1.78 -9.02
CA ILE A 365 -0.39 1.55 -8.16
C ILE A 365 -0.10 0.07 -8.12
N ASP A 366 1.16 -0.28 -7.84
CA ASP A 366 1.58 -1.67 -7.83
C ASP A 366 1.43 -2.29 -6.43
N LEU A 367 0.20 -2.18 -5.92
CA LEU A 367 -0.27 -2.97 -4.79
C LEU A 367 -1.56 -3.65 -5.20
N ALA A 368 -1.87 -4.78 -4.58
CA ALA A 368 -3.09 -5.50 -4.92
C ALA A 368 -4.24 -5.20 -3.97
N GLU A 369 -3.95 -4.56 -2.84
CA GLU A 369 -4.97 -4.08 -1.91
C GLU A 369 -5.37 -2.68 -2.37
N GLU A 370 -6.52 -2.54 -3.03
CA GLU A 370 -6.96 -1.23 -3.46
C GLU A 370 -8.48 -1.21 -3.59
N ARG A 371 -9.07 -0.08 -3.26
CA ARG A 371 -10.47 0.16 -3.52
C ARG A 371 -10.60 1.33 -4.50
N SER A 372 -11.64 1.27 -5.33
CA SER A 372 -11.84 2.26 -6.40
C SER A 372 -12.61 3.50 -5.94
N GLY A 373 -13.18 3.50 -4.73
CA GLY A 373 -14.03 4.60 -4.32
C GLY A 373 -15.27 4.68 -5.20
N ASN A 374 -15.81 5.90 -5.33
CA ASN A 374 -17.00 6.14 -6.14
C ASN A 374 -17.07 7.57 -6.63
N MET A 375 -16.98 7.75 -7.96
CA MET A 375 -17.37 9.00 -8.59
C MET A 375 -18.74 8.79 -9.22
N PRO A 376 -19.80 9.40 -8.69
CA PRO A 376 -21.15 9.02 -9.10
C PRO A 376 -21.47 9.47 -10.52
N THR A 377 -22.33 8.66 -11.17
CA THR A 377 -22.90 8.94 -12.49
C THR A 377 -24.38 8.60 -12.45
N ARG A 378 -25.14 9.08 -13.46
CA ARG A 378 -26.54 8.70 -13.58
C ARG A 378 -26.70 7.19 -13.73
N GLU A 379 -25.92 6.58 -14.62
CA GLU A 379 -26.01 5.15 -14.83
C GLU A 379 -25.69 4.37 -13.58
N TRP A 380 -24.77 4.89 -12.75
CA TRP A 380 -24.44 4.18 -11.52
C TRP A 380 -25.56 4.32 -10.51
N LYS A 381 -26.11 5.52 -10.36
CA LYS A 381 -27.22 5.68 -9.42
C LYS A 381 -28.38 4.79 -9.81
N GLN A 382 -28.68 4.72 -11.12
CA GLN A 382 -29.71 3.83 -11.62
C GLN A 382 -29.42 2.37 -11.26
N LYS A 383 -28.20 1.89 -11.52
CA LYS A 383 -27.88 0.50 -11.23
C LYS A 383 -27.89 0.20 -9.73
N ARG A 384 -27.53 1.18 -8.91
CA ARG A 384 -27.35 0.89 -7.49
C ARG A 384 -28.62 1.08 -6.68
N PHE A 385 -29.54 1.95 -7.12
CA PHE A 385 -30.76 2.19 -6.37
C PHE A 385 -32.06 2.13 -7.19
N LYS A 386 -31.98 1.83 -8.50
CA LYS A 386 -33.10 1.88 -9.44
C LYS A 386 -33.94 3.14 -9.24
N LYS A 387 -33.31 4.23 -8.81
CA LYS A 387 -33.97 5.51 -8.89
C LYS A 387 -33.13 6.40 -9.77
N PRO A 388 -33.75 7.31 -10.52
CA PRO A 388 -32.97 8.14 -11.46
C PRO A 388 -32.25 9.26 -10.73
N TRP A 389 -31.41 9.97 -11.48
CA TRP A 389 -30.61 11.04 -10.94
C TRP A 389 -31.46 12.31 -10.80
N TYR A 390 -31.42 12.92 -9.63
CA TYR A 390 -32.09 14.18 -9.39
C TYR A 390 -31.06 15.30 -9.32
N GLN A 391 -31.46 16.50 -9.76
CA GLN A 391 -30.49 17.56 -9.91
C GLN A 391 -29.85 17.94 -8.58
N GLY A 392 -30.57 17.77 -7.47
CA GLY A 392 -29.97 18.00 -6.17
C GLY A 392 -28.91 16.99 -5.80
N ASP A 393 -28.84 15.86 -6.50
CA ASP A 393 -27.74 14.93 -6.27
C ASP A 393 -26.43 15.48 -6.84
N THR A 394 -26.52 16.33 -7.87
CA THR A 394 -25.30 16.87 -8.43
C THR A 394 -24.61 17.85 -7.49
N ILE A 395 -25.39 18.62 -6.72
CA ILE A 395 -24.82 19.77 -6.01
C ILE A 395 -23.72 19.38 -5.03
N PRO A 396 -23.92 18.44 -4.09
CA PRO A 396 -22.84 18.12 -3.14
C PRO A 396 -21.60 17.56 -3.82
N VAL A 397 -21.71 17.02 -5.03
CA VAL A 397 -20.54 16.54 -5.75
C VAL A 397 -19.61 17.69 -6.07
N GLY A 398 -20.16 18.91 -6.19
CA GLY A 398 -19.31 20.06 -6.43
C GLY A 398 -18.25 20.27 -5.37
N ILE A 399 -18.57 19.96 -4.11
CA ILE A 399 -17.63 20.18 -3.01
C ILE A 399 -17.13 18.83 -2.48
N GLY A 400 -17.03 17.83 -3.34
CA GLY A 400 -16.45 16.57 -2.95
C GLY A 400 -17.24 15.77 -1.93
N GLN A 401 -18.53 15.96 -1.92
CA GLN A 401 -19.36 15.20 -1.03
C GLN A 401 -20.43 14.43 -1.75
N GLY A 402 -21.60 14.31 -1.15
CA GLY A 402 -22.66 13.53 -1.75
C GLY A 402 -22.31 12.06 -1.85
N TYR A 403 -22.37 11.52 -3.06
CA TYR A 403 -22.02 10.13 -3.33
C TYR A 403 -20.55 9.93 -3.59
N TRP A 404 -19.75 10.99 -3.57
CA TRP A 404 -18.37 10.92 -4.03
C TRP A 404 -17.48 10.40 -2.91
N THR A 405 -16.77 9.31 -3.17
CA THR A 405 -15.76 8.85 -2.24
C THR A 405 -14.49 8.51 -3.01
N ALA A 406 -13.36 8.70 -2.32
CA ALA A 406 -12.05 8.48 -2.93
C ALA A 406 -11.10 7.93 -1.87
N THR A 407 -9.96 7.43 -2.32
CA THR A 407 -8.90 6.94 -1.47
C THR A 407 -7.72 7.91 -1.48
N PRO A 408 -6.91 7.91 -0.42
CA PRO A 408 -5.75 8.80 -0.40
C PRO A 408 -4.83 8.60 -1.58
N ILE A 409 -4.72 7.37 -2.11
CA ILE A 409 -3.87 7.15 -3.28
C ILE A 409 -4.54 7.75 -4.50
N GLN A 410 -5.87 7.85 -4.50
CA GLN A 410 -6.56 8.52 -5.60
C GLN A 410 -6.37 10.03 -5.51
N MET A 411 -6.55 10.61 -4.31
CA MET A 411 -6.15 11.98 -4.02
C MET A 411 -4.77 12.31 -4.56
N SER A 412 -3.83 11.40 -4.34
CA SER A 412 -2.45 11.59 -4.79
C SER A 412 -2.37 11.71 -6.31
N LYS A 413 -2.94 10.72 -7.01
CA LYS A 413 -2.95 10.74 -8.46
C LYS A 413 -3.54 12.05 -8.99
N ALA A 414 -4.71 12.45 -8.45
CA ALA A 414 -5.34 13.68 -8.91
C ALA A 414 -4.45 14.90 -8.65
N LEU A 415 -3.89 14.98 -7.44
CA LEU A 415 -3.01 16.09 -7.12
C LEU A 415 -1.86 16.16 -8.13
N MET A 416 -1.26 15.02 -8.47
CA MET A 416 -0.10 15.08 -9.35
C MET A 416 -0.50 15.52 -10.75
N ILE A 417 -1.68 15.12 -11.21
CA ILE A 417 -2.15 15.58 -12.51
C ILE A 417 -2.20 17.10 -12.54
N LEU A 418 -2.81 17.72 -11.51
CA LEU A 418 -2.86 19.18 -11.43
C LEU A 418 -1.45 19.79 -11.46
N ILE A 419 -0.52 19.18 -10.74
CA ILE A 419 0.85 19.70 -10.74
C ILE A 419 1.44 19.62 -12.14
N ASN A 420 1.19 18.53 -12.85
CA ASN A 420 1.79 18.31 -14.16
C ASN A 420 0.93 18.81 -15.32
N ASP A 421 -0.04 19.69 -15.05
CA ASP A 421 -0.79 20.39 -16.11
C ASP A 421 -1.58 19.43 -17.00
N GLY A 422 -2.22 18.45 -16.36
CA GLY A 422 -2.99 17.46 -17.07
C GLY A 422 -2.23 16.20 -17.47
N ILE A 423 -0.92 16.15 -17.23
CA ILE A 423 -0.17 14.92 -17.50
C ILE A 423 -0.47 13.89 -16.42
N VAL A 424 -0.87 12.69 -16.83
CA VAL A 424 -1.26 11.63 -15.90
C VAL A 424 -0.04 10.79 -15.61
N LYS A 425 0.44 10.83 -14.36
CA LYS A 425 1.50 9.94 -13.89
C LYS A 425 0.91 8.97 -12.86
N VAL A 426 1.03 7.68 -13.13
CA VAL A 426 0.53 6.62 -12.24
C VAL A 426 1.39 6.58 -10.98
N PRO A 427 0.82 6.60 -9.79
CA PRO A 427 1.63 6.40 -8.58
C PRO A 427 2.13 4.96 -8.53
N HIS A 428 3.44 4.82 -8.34
CA HIS A 428 4.04 3.49 -8.34
C HIS A 428 5.13 3.42 -7.28
N LEU A 429 5.45 2.19 -6.88
CA LEU A 429 6.47 1.93 -5.89
C LEU A 429 7.74 1.37 -6.48
N LEU A 430 7.64 0.67 -7.60
CA LEU A 430 8.80 0.02 -8.19
C LEU A 430 9.63 1.03 -8.98
N MET A 431 10.91 1.13 -8.64
CA MET A 431 11.86 1.86 -9.47
C MET A 431 12.47 0.95 -10.53
N SER A 432 13.11 -0.15 -10.12
CA SER A 432 13.62 -1.11 -11.09
C SER A 432 13.64 -2.51 -10.50
N THR A 433 13.75 -3.48 -11.40
CA THR A 433 13.98 -4.90 -11.14
C THR A 433 15.42 -5.20 -11.53
N ALA A 434 15.91 -6.29 -11.00
CA ALA A 434 17.22 -6.79 -11.28
C ALA A 434 17.23 -8.31 -11.23
N GLU A 435 18.40 -8.88 -11.45
CA GLU A 435 18.67 -10.33 -11.54
C GLU A 435 18.12 -10.91 -12.83
N ASP A 436 19.06 -11.23 -13.71
CA ASP A 436 20.40 -11.53 -13.27
C ASP A 436 21.25 -10.42 -13.76
N GLY A 437 21.39 -9.37 -12.96
CA GLY A 437 22.16 -8.20 -13.32
C GLY A 437 21.60 -7.21 -14.32
N LYS A 438 20.50 -7.54 -14.97
CA LYS A 438 19.87 -6.73 -15.97
C LYS A 438 18.78 -5.92 -15.33
N GLN A 439 18.86 -4.61 -15.44
CA GLN A 439 17.88 -3.73 -14.82
C GLN A 439 16.77 -3.41 -15.81
N VAL A 440 15.53 -3.66 -15.40
CA VAL A 440 14.34 -3.24 -16.14
C VAL A 440 13.67 -2.14 -15.32
N PRO A 441 13.57 -0.93 -15.84
CA PRO A 441 12.92 0.15 -15.09
C PRO A 441 11.41 0.03 -15.20
N TRP A 442 10.72 0.56 -14.19
CA TRP A 442 9.27 0.64 -14.27
C TRP A 442 8.89 1.60 -15.38
N VAL A 443 8.06 1.13 -16.32
CA VAL A 443 7.66 1.93 -17.46
C VAL A 443 6.21 2.35 -17.25
N GLN A 444 5.98 3.65 -17.32
CA GLN A 444 4.65 4.24 -17.27
C GLN A 444 3.75 3.63 -18.35
N PRO A 445 2.55 3.15 -18.00
CA PRO A 445 1.57 2.82 -19.05
C PRO A 445 1.07 4.07 -19.76
N HIS A 446 0.56 3.88 -20.97
CA HIS A 446 -0.02 4.97 -21.73
C HIS A 446 -1.26 5.48 -20.99
N GLU A 447 -1.17 6.69 -20.44
CA GLU A 447 -2.34 7.37 -19.90
C GLU A 447 -2.44 8.72 -20.59
N PRO A 448 -3.41 8.90 -21.49
CA PRO A 448 -3.52 10.18 -22.19
C PRO A 448 -3.76 11.30 -21.20
N PRO A 449 -3.31 12.52 -21.52
CA PRO A 449 -3.43 13.61 -20.56
C PRO A 449 -4.89 14.01 -20.36
N VAL A 450 -5.10 14.84 -19.35
CA VAL A 450 -6.42 15.35 -19.01
C VAL A 450 -6.54 16.78 -19.50
N GLY A 451 -7.57 17.05 -20.28
CA GLY A 451 -7.78 18.40 -20.76
C GLY A 451 -6.66 18.82 -21.69
N ASP A 452 -6.12 20.02 -21.48
CA ASP A 452 -5.10 20.50 -22.39
C ASP A 452 -3.97 21.19 -21.64
N ILE A 453 -2.75 20.89 -22.10
CA ILE A 453 -1.51 21.25 -21.43
C ILE A 453 -1.19 22.73 -21.60
N HIS A 454 -1.40 23.26 -22.80
CA HIS A 454 -1.06 24.65 -23.07
C HIS A 454 -1.95 25.59 -22.26
N SER A 455 -3.18 25.15 -21.98
CA SER A 455 -4.17 26.01 -21.35
C SER A 455 -3.65 26.53 -20.01
N GLY A 456 -4.16 27.69 -19.62
CA GLY A 456 -3.70 28.38 -18.45
C GLY A 456 -4.52 28.12 -17.20
N TYR A 457 -5.45 27.17 -17.24
CA TYR A 457 -6.32 26.94 -16.09
C TYR A 457 -5.57 26.22 -14.96
N TRP A 458 -4.64 25.35 -15.30
CA TRP A 458 -3.79 24.68 -14.33
C TRP A 458 -3.10 25.67 -13.39
N GLU A 459 -2.55 26.74 -13.96
CA GLU A 459 -1.90 27.75 -13.13
C GLU A 459 -2.91 28.46 -12.25
N LEU A 460 -4.12 28.69 -12.77
CA LEU A 460 -5.13 29.39 -11.99
C LEU A 460 -5.44 28.61 -10.72
N ALA A 461 -5.78 27.33 -10.88
CA ALA A 461 -6.14 26.49 -9.73
C ALA A 461 -4.98 26.32 -8.77
N LYS A 462 -3.76 26.19 -9.30
CA LYS A 462 -2.60 26.09 -8.43
C LYS A 462 -2.33 27.41 -7.70
N ASP A 463 -2.48 28.54 -8.40
CA ASP A 463 -2.33 29.83 -7.72
C ASP A 463 -3.25 29.92 -6.54
N GLY A 464 -4.47 29.40 -6.66
CA GLY A 464 -5.39 29.39 -5.55
C GLY A 464 -4.88 28.55 -4.40
N MET A 465 -4.29 27.39 -4.73
CA MET A 465 -3.72 26.56 -3.67
C MET A 465 -2.55 27.27 -3.00
N TYR A 466 -1.72 27.96 -3.79
CA TYR A 466 -0.72 28.83 -3.18
C TYR A 466 -1.37 29.80 -2.20
N GLY A 467 -2.54 30.34 -2.57
CA GLY A 467 -3.21 31.29 -1.70
C GLY A 467 -3.71 30.67 -0.41
N VAL A 468 -4.31 29.48 -0.49
CA VAL A 468 -4.68 28.71 0.70
C VAL A 468 -3.55 28.67 1.70
N ALA A 469 -2.33 28.52 1.22
CA ALA A 469 -1.20 28.32 2.09
C ALA A 469 -0.52 29.62 2.46
N ASN A 470 -0.62 30.66 1.63
CA ASN A 470 0.23 31.83 1.79
C ASN A 470 -0.50 33.14 2.00
N ARG A 471 -1.64 33.34 1.36
CA ARG A 471 -2.32 34.62 1.46
C ARG A 471 -3.13 34.69 2.75
N PRO A 472 -3.34 35.89 3.29
CA PRO A 472 -3.92 35.99 4.65
C PRO A 472 -5.30 35.40 4.80
N ASN A 473 -6.12 35.37 3.73
CA ASN A 473 -7.47 34.78 3.79
C ASN A 473 -7.49 33.28 3.50
N GLY A 474 -6.38 32.68 3.08
CA GLY A 474 -6.38 31.25 2.81
C GLY A 474 -6.60 30.44 4.08
N THR A 475 -7.33 29.32 3.93
CA THR A 475 -7.70 28.53 5.09
C THR A 475 -6.51 27.93 5.82
N ALA A 476 -5.36 27.78 5.15
CA ALA A 476 -4.22 27.08 5.75
C ALA A 476 -3.03 28.01 5.97
N HIS A 477 -3.27 29.32 6.01
CA HIS A 477 -2.20 30.29 6.20
C HIS A 477 -1.36 29.98 7.44
N LYS A 478 -2.04 29.65 8.55
CA LYS A 478 -1.35 29.44 9.82
C LYS A 478 -0.39 28.25 9.77
N TYR A 479 -0.58 27.33 8.82
CA TYR A 479 0.26 26.15 8.75
C TYR A 479 1.45 26.33 7.82
N PHE A 480 1.33 27.18 6.80
CA PHE A 480 2.25 27.11 5.69
C PHE A 480 2.89 28.42 5.28
N ALA A 481 2.29 29.57 5.65
CA ALA A 481 2.77 30.87 5.19
C ALA A 481 4.25 31.07 5.52
N SER A 482 4.68 30.67 6.72
CA SER A 482 6.03 30.96 7.20
C SER A 482 7.08 30.00 6.67
N ALA A 483 6.81 29.31 5.56
CA ALA A 483 7.86 28.40 5.13
C ALA A 483 8.78 29.11 4.13
N PRO A 484 10.07 28.82 4.19
CA PRO A 484 11.00 29.42 3.23
C PRO A 484 10.64 29.06 1.80
N TYR A 485 10.69 27.78 1.50
CA TYR A 485 10.15 27.25 0.26
C TYR A 485 8.66 27.57 0.18
N LYS A 486 8.14 27.62 -1.03
CA LYS A 486 6.75 28.01 -1.23
C LYS A 486 5.86 26.77 -1.21
N ILE A 487 4.86 26.74 -0.30
CA ILE A 487 3.91 25.64 -0.20
C ILE A 487 2.60 26.01 -0.85
N ALA A 488 2.03 25.10 -1.63
CA ALA A 488 0.65 25.20 -2.09
C ALA A 488 -0.12 24.04 -1.48
N ALA A 489 -1.37 24.29 -1.08
CA ALA A 489 -2.11 23.25 -0.38
C ALA A 489 -3.60 23.39 -0.68
N LYS A 490 -4.35 22.35 -0.33
CA LYS A 490 -5.80 22.42 -0.30
C LYS A 490 -6.27 21.39 0.71
N SER A 491 -7.07 21.83 1.67
CA SER A 491 -7.59 20.97 2.71
C SER A 491 -9.04 20.63 2.45
N GLY A 492 -9.56 19.73 3.27
CA GLY A 492 -10.95 19.37 3.23
C GLY A 492 -11.32 18.74 4.55
N THR A 493 -12.63 18.72 4.81
CA THR A 493 -13.20 18.13 6.01
C THR A 493 -14.39 17.29 5.58
N ALA A 494 -14.46 16.05 6.05
CA ALA A 494 -15.39 15.05 5.54
C ALA A 494 -16.36 14.60 6.62
N GLN A 495 -17.63 14.47 6.21
CA GLN A 495 -18.72 13.96 7.04
C GLN A 495 -18.95 14.88 8.22
N LEU A 514 -19.38 10.69 15.89
CA LEU A 514 -17.95 10.89 16.10
C LEU A 514 -17.45 12.01 15.17
N ARG A 515 -16.27 12.54 15.47
CA ARG A 515 -15.71 13.72 14.83
C ARG A 515 -15.46 13.59 13.33
N ASP A 516 -15.05 14.68 12.70
CA ASP A 516 -14.94 14.77 11.24
C ASP A 516 -13.55 14.35 10.78
N HIS A 517 -13.51 13.75 9.57
CA HIS A 517 -12.23 13.44 8.95
C HIS A 517 -11.55 14.71 8.47
N LYS A 518 -10.30 14.88 8.85
CA LYS A 518 -9.51 16.03 8.42
C LYS A 518 -8.56 15.59 7.31
N LEU A 519 -8.67 16.23 6.15
CA LEU A 519 -7.85 15.92 4.99
C LEU A 519 -6.99 17.11 4.62
N MET A 520 -5.83 16.83 4.01
CA MET A 520 -4.93 17.88 3.54
C MET A 520 -4.17 17.32 2.35
N THR A 521 -4.07 18.11 1.30
CA THR A 521 -3.20 17.89 0.15
C THR A 521 -2.28 19.10 0.04
N ALA A 522 -1.11 18.88 -0.54
CA ALA A 522 -0.13 19.97 -0.60
C ALA A 522 1.02 19.52 -1.49
N PHE A 523 1.79 20.50 -1.95
CA PHE A 523 3.00 20.21 -2.70
C PHE A 523 3.96 21.38 -2.54
N ALA A 524 5.24 21.12 -2.83
CA ALA A 524 6.30 22.08 -2.55
C ALA A 524 7.51 21.70 -3.37
N PRO A 525 8.39 22.66 -3.71
CA PRO A 525 8.07 24.09 -3.58
C PRO A 525 7.13 24.47 -4.71
N TYR A 526 6.49 25.64 -4.64
CA TYR A 526 5.43 25.94 -5.60
C TYR A 526 5.99 26.15 -6.99
N ASN A 527 7.15 26.78 -7.09
CA ASN A 527 7.76 27.06 -8.38
C ASN A 527 8.04 25.78 -9.15
N ASN A 528 8.80 24.87 -8.53
CA ASN A 528 9.24 23.62 -9.17
C ASN A 528 8.96 22.48 -8.21
N PRO A 529 7.74 21.95 -8.22
CA PRO A 529 7.33 21.02 -7.16
C PRO A 529 8.13 19.72 -7.20
N GLN A 530 8.69 19.36 -6.05
CA GLN A 530 9.48 18.14 -5.90
C GLN A 530 8.75 17.04 -5.14
N VAL A 531 7.72 17.39 -4.35
CA VAL A 531 7.02 16.44 -3.50
C VAL A 531 5.53 16.79 -3.52
N ALA A 532 4.69 15.77 -3.53
CA ALA A 532 3.25 15.92 -3.42
C ALA A 532 2.78 15.04 -2.26
N VAL A 533 1.84 15.52 -1.46
CA VAL A 533 1.38 14.81 -0.28
C VAL A 533 -0.14 14.87 -0.24
N ALA A 534 -0.77 13.71 -0.12
CA ALA A 534 -2.16 13.61 0.25
C ALA A 534 -2.23 12.87 1.57
N MET A 535 -2.98 13.38 2.52
CA MET A 535 -3.06 12.69 3.80
C MET A 535 -4.41 12.95 4.42
N ILE A 536 -4.77 12.11 5.39
CA ILE A 536 -6.05 12.23 6.08
C ILE A 536 -5.90 11.65 7.46
N LEU A 537 -6.41 12.35 8.47
CA LEU A 537 -6.53 11.84 9.83
C LEU A 537 -8.00 11.57 10.10
N GLU A 538 -8.35 10.29 10.26
CA GLU A 538 -9.73 9.92 10.60
C GLU A 538 -10.16 10.58 11.91
N ASN A 539 -11.34 11.21 11.89
CA ASN A 539 -11.93 11.82 13.08
C ASN A 539 -11.00 12.87 13.71
N GLY A 540 -10.12 13.45 12.90
CA GLY A 540 -9.28 14.54 13.34
C GLY A 540 -7.92 14.12 13.83
N GLY A 541 -7.66 12.83 13.95
CA GLY A 541 -6.40 12.36 14.48
C GLY A 541 -6.39 12.42 15.99
N ALA A 542 -5.25 12.01 16.55
CA ALA A 542 -5.11 11.87 17.98
C ALA A 542 -4.33 13.01 18.63
N GLY A 543 -3.68 13.86 17.84
CA GLY A 543 -2.87 14.91 18.39
C GLY A 543 -2.92 16.16 17.56
N PRO A 544 -1.85 16.41 16.81
CA PRO A 544 -1.79 17.64 16.02
C PRO A 544 -2.84 17.67 14.91
N ALA A 545 -3.15 18.89 14.46
CA ALA A 545 -4.02 19.08 13.32
C ALA A 545 -3.31 18.63 12.04
N VAL A 546 -4.11 18.24 11.05
CA VAL A 546 -3.53 17.70 9.83
C VAL A 546 -2.65 18.72 9.13
N GLY A 547 -2.95 20.01 9.30
CA GLY A 547 -2.12 21.03 8.71
C GLY A 547 -0.75 21.13 9.37
N THR A 548 -0.70 20.96 10.70
CA THR A 548 0.59 20.95 11.39
C THR A 548 1.44 19.76 10.94
N LEU A 549 0.81 18.58 10.83
CA LEU A 549 1.54 17.39 10.39
C LEU A 549 2.03 17.55 8.96
N MET A 550 1.23 18.21 8.12
CA MET A 550 1.66 18.46 6.76
C MET A 550 2.89 19.36 6.72
N ARG A 551 2.87 20.44 7.51
CA ARG A 551 4.05 21.30 7.56
C ARG A 551 5.29 20.51 7.95
N GLN A 552 5.18 19.73 9.04
CA GLN A 552 6.32 18.97 9.52
C GLN A 552 6.85 18.01 8.44
N ILE A 553 5.95 17.37 7.70
CA ILE A 553 6.37 16.46 6.64
C ILE A 553 7.06 17.23 5.52
N LEU A 554 6.47 18.35 5.12
CA LEU A 554 7.09 19.13 4.06
C LEU A 554 8.40 19.74 4.53
N ASP A 555 8.50 20.07 5.82
CA ASP A 555 9.77 20.52 6.40
C ASP A 555 10.82 19.41 6.37
N HIS A 556 10.49 18.24 6.90
CA HIS A 556 11.43 17.12 6.90
C HIS A 556 12.03 16.89 5.52
N ILE A 557 11.19 16.93 4.50
CA ILE A 557 11.65 16.66 3.15
C ILE A 557 12.53 17.81 2.63
N MET A 558 12.05 19.05 2.75
CA MET A 558 12.78 20.18 2.18
C MET A 558 13.90 20.69 3.07
N LEU A 559 13.94 20.28 4.33
CA LEU A 559 14.87 20.82 5.33
C LEU A 559 14.79 22.35 5.37
OAC NXL B . -14.32 20.16 2.69
CAN NXL B . -14.45 21.31 2.36
N NXL B . -15.04 22.20 3.13
CAJ NXL B . -15.03 23.64 2.97
CA NXL B . -15.79 21.71 4.27
C NXL B . -17.25 21.96 4.08
O NXL B . -17.93 22.29 5.03
NAA NXL B . -17.76 21.78 2.86
CB NXL B . -15.24 22.36 5.54
CAH NXL B . -15.04 23.86 5.39
CAO NXL B . -14.25 24.18 4.14
NAK NXL B . -12.91 23.54 4.21
OAL NXL B . -12.30 23.87 5.37
SAR NXL B . -11.09 23.07 5.92
OAD NXL B . -11.51 21.90 6.73
OAE NXL B . -10.33 22.53 4.77
OAG NXL B . -10.26 23.98 6.74
#